data_3NY4
#
_entry.id   3NY4
#
_cell.length_a   49.804
_cell.length_b   67.915
_cell.length_c   75.524
_cell.angle_alpha   90.000
_cell.angle_beta   90.000
_cell.angle_gamma   90.000
#
_symmetry.space_group_name_H-M   'P 21 21 21'
#
loop_
_entity.id
_entity.type
_entity.pdbx_description
1 polymer Beta-lactamase
2 non-polymer 'PHOSPHATE ION'
3 non-polymer '(6R,7R)-7-{[(2R)-2-hydroxy-2-phenylacetyl]amino}-3-{[(1-methyl-1H-tetrazol-5-yl)sulfanyl]methyl}-8-oxo-5-thia-1-azabicyclo[4.2.0]oct-2-ene-2-carboxylic acid'
4 water water
#
_entity_poly.entity_id   1
_entity_poly.type   'polypeptide(L)'
_entity_poly.pdbx_seq_one_letter_code
;DLADRFAELERRYDARLGVYVPATGTTAAIEYRADERFAFCSTFAAPLVAAVLHQNPLTHLDKLITYTSDDIRSISPVAQ
QHVQTGMTIGQLCDAAIRYSDGTAANLLLADLGGPGGGTAAFTGYLRSLGDTVSRLDAEEPELNRDPPGDERDTTTPHAI
ALVLQQLVLGNALPPDKRALLTDWMARNTTGAKRIRAGFPADWKVIDKTGTGDYGRANDIAVVWSPTGVPYVVAVMSDRA
GGGYDAEPREALLAEAATCVAGVLA
;
_entity_poly.pdbx_strand_id   A
#
loop_
_chem_comp.id
_chem_comp.type
_chem_comp.name
_chem_comp.formula
PO4 non-polymer 'PHOSPHATE ION' 'O4 P -3'
SMX non-polymer '(6R,7R)-7-{[(2R)-2-hydroxy-2-phenylacetyl]amino}-3-{[(1-methyl-1H-tetrazol-5-yl)sulfanyl]methyl}-8-oxo-5-thia-1-azabicyclo[4.2.0]oct-2-ene-2-carboxylic acid' 'C18 H18 N6 O5 S2'
#
# COMPACT_ATOMS: atom_id res chain seq x y z
N ASP A 1 25.22 -10.96 5.01
CA ASP A 1 24.96 -9.65 4.35
C ASP A 1 23.55 -9.62 3.73
N LEU A 2 22.79 -8.58 4.06
CA LEU A 2 21.41 -8.46 3.62
C LEU A 2 21.25 -8.51 2.12
N ALA A 3 22.09 -7.77 1.39
CA ALA A 3 21.96 -7.69 -0.06
C ALA A 3 22.11 -9.08 -0.70
N ASP A 4 23.06 -9.87 -0.21
CA ASP A 4 23.22 -11.24 -0.69
C ASP A 4 21.98 -12.09 -0.42
N ARG A 5 21.39 -11.92 0.77
CA ARG A 5 20.17 -12.64 1.14
C ARG A 5 19.00 -12.25 0.24
N PHE A 6 18.84 -10.94 -0.01
CA PHE A 6 17.79 -10.46 -0.89
C PHE A 6 17.99 -10.96 -2.32
N ALA A 7 19.22 -10.96 -2.81
CA ALA A 7 19.52 -11.47 -4.15
C ALA A 7 19.19 -12.96 -4.25
N GLU A 8 19.47 -13.72 -3.19
CA GLU A 8 19.11 -15.15 -3.14
C GLU A 8 17.60 -15.34 -3.25
N LEU A 9 16.85 -14.50 -2.54
CA LEU A 9 15.39 -14.55 -2.64
C LEU A 9 14.88 -14.26 -4.05
N GLU A 10 15.50 -13.29 -4.72
CA GLU A 10 15.12 -13.01 -6.11
C GLU A 10 15.30 -14.24 -6.98
N ARG A 11 16.42 -14.93 -6.83
CA ARG A 11 16.65 -16.13 -7.62
C ARG A 11 15.63 -17.23 -7.26
N ARG A 12 15.32 -17.38 -5.98
CA ARG A 12 14.42 -18.42 -5.50
C ARG A 12 13.01 -18.27 -6.10
N TYR A 13 12.56 -17.02 -6.17
CA TYR A 13 11.19 -16.72 -6.59
C TYR A 13 11.09 -16.18 -8.02
N ASP A 14 12.20 -16.24 -8.77
CA ASP A 14 12.29 -15.64 -10.11
C ASP A 14 11.66 -14.24 -10.10
N ALA A 15 12.15 -13.41 -9.20
CA ALA A 15 11.49 -12.17 -8.89
C ALA A 15 12.48 -11.01 -8.87
N ARG A 16 11.92 -9.81 -8.91
CA ARG A 16 12.62 -8.59 -8.57
C ARG A 16 12.04 -8.11 -7.26
N LEU A 17 12.92 -7.84 -6.30
CA LEU A 17 12.53 -7.47 -4.93
C LEU A 17 13.05 -6.08 -4.60
N GLY A 18 12.20 -5.25 -4.02
CA GLY A 18 12.60 -3.93 -3.52
C GLY A 18 12.25 -3.78 -2.06
N VAL A 19 13.18 -3.25 -1.30
CA VAL A 19 13.03 -3.11 0.16
C VAL A 19 13.52 -1.73 0.59
N TYR A 20 12.75 -1.07 1.44
CA TYR A 20 13.26 0.11 2.13
C TYR A 20 12.74 0.19 3.55
N VAL A 21 13.66 0.46 4.46
CA VAL A 21 13.35 0.80 5.86
C VAL A 21 14.11 2.09 6.14
N PRO A 22 13.41 3.20 6.43
CA PRO A 22 14.10 4.45 6.74
C PRO A 22 15.01 4.31 7.96
N ALA A 23 16.09 5.09 7.97
CA ALA A 23 16.99 5.18 9.10
C ALA A 23 16.25 5.69 10.33
N THR A 24 16.75 5.26 11.49
CA THR A 24 16.38 5.83 12.76
C THR A 24 17.67 6.39 13.40
N GLY A 25 17.56 6.94 14.60
CA GLY A 25 18.75 7.40 15.33
C GLY A 25 19.81 6.33 15.55
N THR A 26 19.39 5.08 15.66
CA THR A 26 20.33 3.98 15.94
C THR A 26 20.43 2.91 14.84
N THR A 27 19.60 3.00 13.80
CA THR A 27 19.68 2.04 12.70
C THR A 27 19.84 2.77 11.38
N ALA A 28 20.76 2.26 10.56
CA ALA A 28 20.91 2.74 9.18
C ALA A 28 19.70 2.33 8.36
N ALA A 29 19.45 3.08 7.30
CA ALA A 29 18.43 2.70 6.33
C ALA A 29 18.78 1.34 5.75
N ILE A 30 17.75 0.52 5.51
CA ILE A 30 17.92 -0.73 4.80
C ILE A 30 17.38 -0.46 3.40
N GLU A 31 18.18 -0.75 2.38
CA GLU A 31 17.78 -0.47 1.01
C GLU A 31 18.22 -1.57 0.08
N TYR A 32 17.31 -2.02 -0.76
CA TYR A 32 17.64 -2.98 -1.81
C TYR A 32 16.71 -2.68 -2.98
N ARG A 33 17.28 -2.23 -4.10
CA ARG A 33 16.46 -1.73 -5.22
C ARG A 33 15.44 -0.68 -4.75
N ALA A 34 15.81 0.10 -3.74
CA ALA A 34 14.85 0.97 -3.08
C ALA A 34 14.36 2.13 -3.92
N ASP A 35 15.15 2.51 -4.93
CA ASP A 35 14.79 3.60 -5.83
C ASP A 35 14.32 3.11 -7.20
N GLU A 36 14.14 1.79 -7.37
CA GLU A 36 13.54 1.27 -8.59
C GLU A 36 12.02 1.36 -8.48
N ARG A 37 11.38 1.59 -9.62
CA ARG A 37 9.93 1.67 -9.66
C ARG A 37 9.28 0.29 -9.64
N PHE A 38 8.19 0.20 -8.88
CA PHE A 38 7.31 -0.97 -8.85
C PHE A 38 5.88 -0.44 -8.86
N ALA A 39 4.97 -1.21 -9.46
CA ALA A 39 3.55 -0.86 -9.41
C ALA A 39 3.06 -0.71 -7.96
N PHE A 40 2.28 0.34 -7.70
CA PHE A 40 1.56 0.47 -6.43
C PHE A 40 0.68 -0.75 -6.12
N CYS A 41 -0.09 -1.18 -7.12
CA CYS A 41 -1.27 -2.01 -6.86
C CYS A 41 -2.06 -1.35 -5.70
N SER A 42 -2.68 -2.14 -4.82
CA SER A 42 -3.56 -1.54 -3.81
C SER A 42 -2.85 -0.81 -2.69
N THR A 43 -1.53 -0.78 -2.69
CA THR A 43 -0.85 0.00 -1.66
C THR A 43 -1.25 1.47 -1.70
N PHE A 44 -1.66 1.97 -2.87
CA PHE A 44 -2.07 3.37 -2.97
C PHE A 44 -3.30 3.70 -2.13
N ALA A 45 -4.07 2.68 -1.73
CA ALA A 45 -5.29 2.91 -0.95
C ALA A 45 -5.02 3.59 0.38
N ALA A 46 -3.87 3.31 0.99
CA ALA A 46 -3.52 3.96 2.24
C ALA A 46 -3.39 5.49 2.07
N PRO A 47 -2.50 5.98 1.17
CA PRO A 47 -2.50 7.44 1.00
C PRO A 47 -3.78 7.99 0.38
N LEU A 48 -4.53 7.18 -0.37
CA LEU A 48 -5.81 7.65 -0.91
C LEU A 48 -6.79 7.98 0.22
N VAL A 49 -6.90 7.07 1.16
CA VAL A 49 -7.75 7.31 2.33
C VAL A 49 -7.24 8.51 3.13
N ALA A 50 -5.92 8.65 3.28
CA ALA A 50 -5.38 9.85 3.94
C ALA A 50 -5.81 11.13 3.21
N ALA A 51 -5.74 11.11 1.87
CA ALA A 51 -6.13 12.29 1.08
C ALA A 51 -7.60 12.64 1.32
N VAL A 52 -8.48 11.64 1.27
CA VAL A 52 -9.90 11.88 1.46
C VAL A 52 -10.19 12.36 2.88
N LEU A 53 -9.51 11.78 3.87
CA LEU A 53 -9.66 12.24 5.24
C LEU A 53 -9.22 13.70 5.37
N HIS A 54 -8.05 13.99 4.82
CA HIS A 54 -7.46 15.33 4.94
C HIS A 54 -8.36 16.38 4.30
N GLN A 55 -8.95 16.03 3.17
CA GLN A 55 -9.68 16.97 2.32
C GLN A 55 -11.02 17.42 2.91
N ASN A 56 -11.56 16.65 3.85
CA ASN A 56 -12.95 16.84 4.27
C ASN A 56 -13.11 16.86 5.77
N PRO A 57 -14.20 17.48 6.25
CA PRO A 57 -14.52 17.33 7.67
C PRO A 57 -14.76 15.84 8.00
N LEU A 58 -14.54 15.44 9.26
CA LEU A 58 -14.71 14.04 9.60
C LEU A 58 -16.13 13.51 9.36
N THR A 59 -17.14 14.39 9.44
CA THR A 59 -18.50 13.92 9.21
C THR A 59 -18.77 13.62 7.73
N HIS A 60 -17.83 13.95 6.85
CA HIS A 60 -17.91 13.47 5.45
C HIS A 60 -17.92 11.94 5.41
N LEU A 61 -17.39 11.28 6.45
CA LEU A 61 -17.43 9.82 6.51
C LEU A 61 -18.85 9.28 6.48
N ASP A 62 -19.83 10.11 6.82
CA ASP A 62 -21.21 9.68 6.90
C ASP A 62 -21.99 9.89 5.61
N LYS A 63 -21.34 10.45 4.59
CA LYS A 63 -22.00 10.70 3.32
C LYS A 63 -22.20 9.40 2.56
N LEU A 64 -23.43 9.14 2.13
CA LEU A 64 -23.77 7.93 1.37
C LEU A 64 -23.42 8.08 -0.11
N ILE A 65 -22.65 7.13 -0.61
CA ILE A 65 -22.31 7.05 -2.03
C ILE A 65 -23.09 5.90 -2.68
N THR A 66 -23.82 6.22 -3.74
CA THR A 66 -24.52 5.18 -4.49
C THR A 66 -23.75 4.82 -5.75
N TYR A 67 -23.91 3.58 -6.20
CA TYR A 67 -23.17 3.08 -7.35
C TYR A 67 -23.98 1.93 -7.94
N THR A 68 -23.59 1.48 -9.14
CA THR A 68 -24.42 0.55 -9.88
C THR A 68 -23.62 -0.58 -10.53
N SER A 69 -24.31 -1.39 -11.33
CA SER A 69 -23.70 -2.55 -11.94
C SER A 69 -22.41 -2.24 -12.68
N ASP A 70 -22.40 -1.16 -13.46
CA ASP A 70 -21.22 -0.87 -14.27
C ASP A 70 -20.04 -0.30 -13.48
N ASP A 71 -20.22 -0.09 -12.19
CA ASP A 71 -19.13 0.32 -11.30
C ASP A 71 -18.32 -0.85 -10.76
N ILE A 72 -18.84 -2.07 -10.84
CA ILE A 72 -18.12 -3.20 -10.29
C ILE A 72 -17.33 -3.86 -11.40
N ARG A 73 -16.04 -3.59 -11.44
CA ARG A 73 -15.23 -4.11 -12.53
C ARG A 73 -13.86 -4.57 -12.10
N SER A 74 -13.74 -4.86 -10.81
CA SER A 74 -12.49 -5.29 -10.21
C SER A 74 -12.86 -6.06 -8.95
N ILE A 75 -11.92 -6.81 -8.38
CA ILE A 75 -12.14 -7.50 -7.11
C ILE A 75 -12.62 -6.47 -6.07
N SER A 76 -13.80 -6.72 -5.49
CA SER A 76 -14.50 -5.76 -4.66
C SER A 76 -15.33 -6.53 -3.62
N PRO A 77 -14.66 -7.18 -2.65
CA PRO A 77 -15.35 -8.12 -1.77
C PRO A 77 -16.50 -7.50 -0.98
N VAL A 78 -16.38 -6.20 -0.65
CA VAL A 78 -17.40 -5.53 0.14
C VAL A 78 -18.40 -4.80 -0.75
N ALA A 79 -17.90 -4.02 -1.72
CA ALA A 79 -18.81 -3.21 -2.55
C ALA A 79 -19.80 -4.04 -3.35
N GLN A 80 -19.40 -5.24 -3.78
CA GLN A 80 -20.33 -6.12 -4.48
C GLN A 80 -21.57 -6.49 -3.65
N GLN A 81 -21.39 -6.58 -2.32
CA GLN A 81 -22.46 -6.95 -1.38
C GLN A 81 -23.40 -5.80 -1.04
N HIS A 82 -22.95 -4.57 -1.24
CA HIS A 82 -23.69 -3.39 -0.79
C HIS A 82 -24.21 -2.55 -1.95
N VAL A 83 -24.13 -3.09 -3.16
CA VAL A 83 -24.47 -2.33 -4.36
C VAL A 83 -25.94 -1.84 -4.36
N GLN A 84 -26.82 -2.60 -3.72
CA GLN A 84 -28.24 -2.24 -3.71
C GLN A 84 -28.58 -1.12 -2.72
N THR A 85 -27.69 -0.82 -1.78
CA THR A 85 -27.92 0.20 -0.73
C THR A 85 -26.97 1.39 -0.75
N GLY A 86 -25.84 1.26 -1.43
CA GLY A 86 -24.78 2.26 -1.37
C GLY A 86 -23.87 2.00 -0.18
N MET A 87 -22.79 2.78 -0.11
CA MET A 87 -21.85 2.71 1.00
C MET A 87 -21.48 4.13 1.39
N THR A 88 -21.31 4.36 2.69
CA THR A 88 -20.82 5.67 3.12
C THR A 88 -19.33 5.81 2.80
N ILE A 89 -18.84 7.04 2.79
CA ILE A 89 -17.41 7.29 2.60
C ILE A 89 -16.60 6.50 3.64
N GLY A 90 -17.05 6.45 4.90
CA GLY A 90 -16.33 5.70 5.93
C GLY A 90 -16.29 4.22 5.62
N GLN A 91 -17.42 3.67 5.17
CA GLN A 91 -17.46 2.25 4.75
C GLN A 91 -16.53 2.00 3.57
N LEU A 92 -16.46 2.96 2.65
CA LEU A 92 -15.57 2.84 1.49
C LEU A 92 -14.11 2.84 1.92
N CYS A 93 -13.75 3.73 2.85
CA CYS A 93 -12.38 3.77 3.35
C CYS A 93 -12.02 2.46 4.01
N ASP A 94 -12.94 1.95 4.84
CA ASP A 94 -12.74 0.68 5.54
C ASP A 94 -12.50 -0.44 4.53
N ALA A 95 -13.39 -0.57 3.55
CA ALA A 95 -13.27 -1.62 2.54
C ALA A 95 -12.01 -1.48 1.69
N ALA A 96 -11.67 -0.25 1.32
CA ALA A 96 -10.51 0.00 0.47
C ALA A 96 -9.21 -0.45 1.16
N ILE A 97 -9.11 -0.19 2.46
CA ILE A 97 -7.92 -0.58 3.20
C ILE A 97 -7.93 -2.05 3.61
N ARG A 98 -9.03 -2.49 4.24
CA ARG A 98 -9.05 -3.78 4.88
C ARG A 98 -9.29 -4.97 3.97
N TYR A 99 -9.91 -4.73 2.82
CA TYR A 99 -10.22 -5.76 1.83
C TYR A 99 -9.68 -5.46 0.44
N SER A 100 -8.90 -4.39 0.27
CA SER A 100 -8.39 -3.96 -1.04
C SER A 100 -9.51 -3.91 -2.05
N ASP A 101 -10.66 -3.38 -1.63
CA ASP A 101 -11.82 -3.34 -2.49
C ASP A 101 -11.59 -2.32 -3.60
N GLY A 102 -11.63 -2.79 -4.84
CA GLY A 102 -11.27 -1.94 -5.97
C GLY A 102 -12.34 -0.93 -6.34
N THR A 103 -13.60 -1.32 -6.22
CA THR A 103 -14.69 -0.38 -6.42
C THR A 103 -14.64 0.72 -5.37
N ALA A 104 -14.37 0.34 -4.12
CA ALA A 104 -14.25 1.34 -3.07
C ALA A 104 -13.13 2.34 -3.39
N ALA A 105 -11.98 1.83 -3.84
CA ALA A 105 -10.89 2.71 -4.23
C ALA A 105 -11.30 3.64 -5.36
N ASN A 106 -11.99 3.12 -6.36
CA ASN A 106 -12.43 3.96 -7.49
C ASN A 106 -13.41 5.03 -7.06
N LEU A 107 -14.32 4.68 -6.15
CA LEU A 107 -15.28 5.67 -5.64
C LEU A 107 -14.60 6.74 -4.79
N LEU A 108 -13.57 6.37 -4.04
CA LEU A 108 -12.81 7.34 -3.27
C LEU A 108 -12.00 8.26 -4.17
N LEU A 109 -11.43 7.72 -5.25
CA LEU A 109 -10.79 8.57 -6.25
C LEU A 109 -11.77 9.59 -6.82
N ALA A 110 -12.97 9.13 -7.15
CA ALA A 110 -13.99 10.02 -7.68
C ALA A 110 -14.38 11.10 -6.67
N ASP A 111 -14.41 10.73 -5.40
CA ASP A 111 -14.74 11.68 -4.34
C ASP A 111 -13.68 12.76 -4.25
N LEU A 112 -12.41 12.37 -4.38
CA LEU A 112 -11.33 13.33 -4.39
C LEU A 112 -11.48 14.28 -5.57
N GLY A 113 -11.81 13.71 -6.73
CA GLY A 113 -12.26 14.44 -7.91
C GLY A 113 -11.14 14.99 -8.76
N GLY A 114 -11.51 15.82 -9.74
CA GLY A 114 -10.54 16.40 -10.66
C GLY A 114 -10.20 15.47 -11.83
N PRO A 115 -9.24 15.89 -12.68
CA PRO A 115 -8.83 15.14 -13.86
C PRO A 115 -8.44 13.69 -13.60
N GLY A 116 -8.63 12.85 -14.60
CA GLY A 116 -8.23 11.45 -14.50
C GLY A 116 -9.00 10.67 -13.46
N GLY A 117 -10.25 11.05 -13.22
CA GLY A 117 -11.09 10.38 -12.23
C GLY A 117 -10.57 10.43 -10.82
N GLY A 118 -9.79 11.46 -10.50
CA GLY A 118 -9.20 11.59 -9.18
C GLY A 118 -7.72 11.21 -9.13
N THR A 119 -7.19 10.59 -10.18
CA THR A 119 -5.80 10.12 -10.12
C THR A 119 -4.80 11.29 -10.08
N ALA A 120 -5.13 12.41 -10.75
CA ALA A 120 -4.24 13.58 -10.71
C ALA A 120 -4.21 14.19 -9.31
N ALA A 121 -5.38 14.31 -8.68
CA ALA A 121 -5.45 14.87 -7.32
C ALA A 121 -4.77 13.92 -6.33
N PHE A 122 -4.87 12.62 -6.54
CA PHE A 122 -4.16 11.67 -5.68
C PHE A 122 -2.65 11.91 -5.80
N THR A 123 -2.18 12.03 -7.03
CA THR A 123 -0.75 12.24 -7.27
C THR A 123 -0.33 13.58 -6.65
N GLY A 124 -1.18 14.60 -6.79
CA GLY A 124 -0.93 15.90 -6.15
C GLY A 124 -0.82 15.81 -4.65
N TYR A 125 -1.62 14.95 -4.03
CA TYR A 125 -1.52 14.74 -2.59
C TYR A 125 -0.13 14.21 -2.23
N LEU A 126 0.36 13.23 -3.00
CA LEU A 126 1.71 12.72 -2.75
C LEU A 126 2.77 13.80 -2.96
N ARG A 127 2.61 14.63 -3.98
CA ARG A 127 3.54 15.73 -4.21
C ARG A 127 3.59 16.66 -2.99
N SER A 128 2.43 16.89 -2.35
CA SER A 128 2.35 17.73 -1.15
C SER A 128 3.10 17.16 0.04
N LEU A 129 3.35 15.86 0.03
CA LEU A 129 4.14 15.18 1.03
C LEU A 129 5.59 15.05 0.60
N GLY A 130 5.99 15.77 -0.45
CA GLY A 130 7.39 15.77 -0.88
C GLY A 130 7.77 14.60 -1.77
N ASP A 131 6.81 13.80 -2.22
CA ASP A 131 7.07 12.66 -3.08
C ASP A 131 6.97 13.13 -4.53
N THR A 132 8.12 13.29 -5.17
CA THR A 132 8.18 13.73 -6.58
C THR A 132 8.38 12.55 -7.54
N VAL A 133 8.27 11.33 -7.01
CA VAL A 133 8.53 10.10 -7.76
C VAL A 133 7.25 9.39 -8.17
N SER A 134 6.36 9.15 -7.22
CA SER A 134 5.22 8.28 -7.47
C SER A 134 4.21 8.91 -8.41
N ARG A 135 3.41 8.07 -9.05
CA ARG A 135 2.37 8.58 -9.94
C ARG A 135 1.26 7.56 -10.05
N LEU A 136 0.03 8.06 -10.09
CA LEU A 136 -1.14 7.21 -10.36
C LEU A 136 -1.80 7.73 -11.62
N ASP A 137 -2.12 6.80 -12.52
CA ASP A 137 -2.54 7.12 -13.88
C ASP A 137 -3.84 6.48 -14.31
N ALA A 138 -4.26 5.44 -13.60
CA ALA A 138 -5.42 4.64 -13.96
C ALA A 138 -6.15 4.30 -12.68
N GLU A 139 -7.40 3.85 -12.84
CA GLU A 139 -8.10 3.30 -11.70
C GLU A 139 -8.09 1.77 -11.70
N GLU A 140 -8.87 1.18 -10.81
CA GLU A 140 -8.96 -0.28 -10.74
C GLU A 140 -9.84 -0.81 -11.84
N PRO A 141 -9.46 -1.91 -12.51
CA PRO A 141 -8.29 -2.78 -12.28
C PRO A 141 -7.06 -2.42 -13.09
N GLU A 142 -7.19 -1.45 -14.00
CA GLU A 142 -6.14 -1.17 -14.96
C GLU A 142 -4.80 -0.82 -14.33
N LEU A 143 -4.81 -0.20 -13.14
CA LEU A 143 -3.58 0.24 -12.51
C LEU A 143 -2.67 -0.94 -12.12
N ASN A 144 -3.20 -2.18 -12.14
CA ASN A 144 -2.42 -3.38 -11.81
C ASN A 144 -1.72 -4.02 -12.99
N ARG A 145 -1.97 -3.49 -14.19
CA ARG A 145 -1.71 -4.19 -15.45
C ARG A 145 -0.58 -3.61 -16.30
N ASP A 146 0.05 -2.52 -15.87
CA ASP A 146 1.03 -1.91 -16.78
C ASP A 146 2.20 -2.86 -16.98
N PRO A 147 2.77 -2.91 -18.20
CA PRO A 147 3.86 -3.88 -18.40
C PRO A 147 5.06 -3.59 -17.50
N PRO A 148 5.84 -4.63 -17.16
CA PRO A 148 7.08 -4.42 -16.43
C PRO A 148 7.92 -3.32 -17.05
N GLY A 149 8.40 -2.41 -16.22
CA GLY A 149 9.22 -1.27 -16.65
C GLY A 149 8.44 0.00 -16.94
N ASP A 150 7.16 -0.11 -17.26
CA ASP A 150 6.29 1.06 -17.55
C ASP A 150 6.23 1.90 -16.26
N GLU A 151 6.31 3.21 -16.40
CA GLU A 151 6.29 4.07 -15.22
C GLU A 151 4.92 4.42 -14.71
N ARG A 152 3.89 4.17 -15.51
CA ARG A 152 2.55 4.49 -15.05
C ARG A 152 2.22 3.70 -13.80
N ASP A 153 1.50 4.33 -12.87
CA ASP A 153 0.97 3.65 -11.68
C ASP A 153 2.07 3.06 -10.81
N THR A 154 3.22 3.74 -10.74
CA THR A 154 4.34 3.26 -9.95
C THR A 154 4.70 4.16 -8.78
N THR A 155 5.33 3.51 -7.79
CA THR A 155 6.05 4.19 -6.72
C THR A 155 7.40 3.48 -6.60
N THR A 156 8.15 3.78 -5.53
CA THR A 156 9.37 3.04 -5.22
C THR A 156 9.29 2.69 -3.74
N PRO A 157 10.02 1.65 -3.32
CA PRO A 157 10.03 1.35 -1.88
C PRO A 157 10.42 2.56 -1.04
N HIS A 158 11.42 3.30 -1.49
CA HIS A 158 11.86 4.49 -0.78
C HIS A 158 10.76 5.55 -0.70
N ALA A 159 10.13 5.85 -1.85
CA ALA A 159 9.13 6.89 -1.88
C ALA A 159 7.93 6.56 -1.01
N ILE A 160 7.41 5.35 -1.15
CA ILE A 160 6.20 4.99 -0.41
C ILE A 160 6.47 4.85 1.09
N ALA A 161 7.68 4.41 1.45
CA ALA A 161 8.04 4.36 2.86
C ALA A 161 8.02 5.76 3.48
N LEU A 162 8.59 6.74 2.77
CA LEU A 162 8.61 8.11 3.32
C LEU A 162 7.22 8.71 3.40
N VAL A 163 6.35 8.39 2.44
CA VAL A 163 4.95 8.82 2.50
C VAL A 163 4.26 8.17 3.70
N LEU A 164 4.40 6.85 3.85
CA LEU A 164 3.72 6.17 4.95
C LEU A 164 4.25 6.67 6.30
N GLN A 165 5.56 6.92 6.38
CA GLN A 165 6.12 7.48 7.60
C GLN A 165 5.43 8.78 8.00
N GLN A 166 5.24 9.70 7.05
CA GLN A 166 4.56 10.96 7.36
C GLN A 166 3.11 10.77 7.77
N LEU A 167 2.42 9.84 7.10
CA LEU A 167 1.02 9.59 7.38
C LEU A 167 0.77 9.00 8.75
N VAL A 168 1.61 8.03 9.14
CA VAL A 168 1.38 7.27 10.36
C VAL A 168 2.17 7.81 11.56
N LEU A 169 3.43 8.16 11.35
CA LEU A 169 4.32 8.57 12.44
C LEU A 169 4.52 10.09 12.50
N GLY A 170 4.29 10.76 11.38
CA GLY A 170 4.44 12.20 11.30
C GLY A 170 3.13 12.94 11.40
N ASN A 171 3.13 14.18 10.90
CA ASN A 171 2.02 15.09 11.15
C ASN A 171 1.25 15.47 9.90
N ALA A 172 1.29 14.59 8.90
CA ALA A 172 0.50 14.83 7.69
C ALA A 172 -0.99 14.96 7.98
N LEU A 173 -1.49 14.18 8.93
CA LEU A 173 -2.88 14.24 9.35
C LEU A 173 -2.94 14.65 10.82
N PRO A 174 -4.01 15.38 11.21
CA PRO A 174 -4.23 15.64 12.62
C PRO A 174 -4.49 14.31 13.34
N PRO A 175 -4.22 14.23 14.65
CA PRO A 175 -4.33 12.95 15.35
C PRO A 175 -5.68 12.22 15.18
N ASP A 176 -6.79 12.95 15.12
CA ASP A 176 -8.08 12.26 14.97
C ASP A 176 -8.21 11.51 13.64
N LYS A 177 -7.78 12.14 12.56
CA LYS A 177 -7.82 11.50 11.25
C LYS A 177 -6.73 10.45 11.12
N ARG A 178 -5.56 10.73 11.70
CA ARG A 178 -4.46 9.76 11.72
C ARG A 178 -4.89 8.45 12.37
N ALA A 179 -5.63 8.55 13.48
CA ALA A 179 -6.10 7.37 14.19
C ALA A 179 -7.06 6.53 13.34
N LEU A 180 -7.90 7.16 12.52
CA LEU A 180 -8.79 6.42 11.63
C LEU A 180 -7.96 5.61 10.62
N LEU A 181 -6.98 6.26 10.00
CA LEU A 181 -6.13 5.58 9.02
C LEU A 181 -5.38 4.41 9.64
N THR A 182 -4.74 4.69 10.78
CA THR A 182 -3.91 3.70 11.46
C THR A 182 -4.74 2.50 11.92
N ASP A 183 -5.94 2.77 12.47
CA ASP A 183 -6.76 1.66 12.92
C ASP A 183 -7.26 0.80 11.77
N TRP A 184 -7.61 1.40 10.63
CA TRP A 184 -8.01 0.59 9.48
C TRP A 184 -6.85 -0.30 9.03
N MET A 185 -5.63 0.24 9.01
CA MET A 185 -4.48 -0.58 8.65
C MET A 185 -4.19 -1.65 9.71
N ALA A 186 -4.46 -1.35 10.96
CA ALA A 186 -4.26 -2.32 12.04
C ALA A 186 -5.21 -3.49 11.90
N ARG A 187 -6.39 -3.22 11.36
CA ARG A 187 -7.45 -4.23 11.21
C ARG A 187 -7.48 -4.83 9.80
N ASN A 188 -6.41 -4.60 9.05
CA ASN A 188 -6.29 -5.20 7.74
C ASN A 188 -6.46 -6.71 7.74
N THR A 189 -7.19 -7.24 6.74
CA THR A 189 -7.43 -8.68 6.64
C THR A 189 -6.54 -9.40 5.63
N THR A 190 -5.74 -8.66 4.87
CA THR A 190 -5.06 -9.23 3.70
C THR A 190 -3.56 -9.48 3.88
N GLY A 191 -2.98 -9.10 5.02
CA GLY A 191 -1.53 -9.06 5.15
C GLY A 191 -0.87 -10.09 6.04
N ALA A 192 -1.60 -11.10 6.50
CA ALA A 192 -1.04 -12.02 7.50
C ALA A 192 0.18 -12.79 7.03
N LYS A 193 0.27 -13.02 5.71
CA LYS A 193 1.34 -13.85 5.16
C LYS A 193 2.47 -13.03 4.54
N ARG A 194 2.51 -11.73 4.84
CA ARG A 194 3.53 -10.84 4.26
C ARG A 194 4.43 -10.29 5.37
N ILE A 195 4.52 -8.97 5.53
CA ILE A 195 5.41 -8.45 6.57
C ILE A 195 5.09 -9.00 7.96
N ARG A 196 3.81 -9.11 8.29
CA ARG A 196 3.37 -9.69 9.57
C ARG A 196 4.01 -11.05 9.84
N ALA A 197 4.15 -11.87 8.80
CA ALA A 197 4.71 -13.21 8.96
C ALA A 197 6.19 -13.19 9.30
N GLY A 198 6.90 -12.11 8.97
CA GLY A 198 8.33 -12.02 9.21
C GLY A 198 8.73 -11.44 10.55
N PHE A 199 7.79 -10.83 11.26
CA PHE A 199 8.08 -10.22 12.56
C PHE A 199 7.55 -11.06 13.72
N PRO A 200 8.32 -11.14 14.81
CA PRO A 200 7.83 -11.89 15.97
C PRO A 200 6.48 -11.38 16.47
N ALA A 201 5.71 -12.28 17.07
CA ALA A 201 4.35 -11.97 17.52
C ALA A 201 4.24 -10.78 18.48
N ASP A 202 5.29 -10.51 19.25
CA ASP A 202 5.26 -9.38 20.19
C ASP A 202 5.60 -8.02 19.57
N TRP A 203 5.85 -8.00 18.26
CA TRP A 203 5.92 -6.75 17.50
C TRP A 203 4.53 -6.45 16.95
N LYS A 204 4.14 -5.19 17.01
CA LYS A 204 2.87 -4.79 16.39
C LYS A 204 3.11 -4.44 14.93
N VAL A 205 2.20 -4.86 14.06
CA VAL A 205 2.31 -4.56 12.63
C VAL A 205 0.98 -4.01 12.11
N ILE A 206 1.04 -2.87 11.43
CA ILE A 206 -0.12 -2.39 10.67
C ILE A 206 0.33 -2.30 9.22
N ASP A 207 -0.53 -2.62 8.26
CA ASP A 207 -0.04 -2.68 6.88
C ASP A 207 -1.13 -2.43 5.85
N LYS A 208 -0.68 -2.23 4.61
CA LYS A 208 -1.53 -2.24 3.43
C LYS A 208 -0.80 -3.01 2.35
N THR A 209 -1.47 -4.01 1.79
CA THR A 209 -0.90 -4.85 0.76
C THR A 209 -1.21 -4.34 -0.64
N GLY A 210 -0.54 -4.92 -1.62
CA GLY A 210 -0.92 -4.80 -3.02
C GLY A 210 -0.58 -6.08 -3.76
N THR A 211 -1.39 -6.43 -4.76
CA THR A 211 -1.20 -7.64 -5.56
C THR A 211 -1.62 -7.28 -6.98
N GLY A 212 -0.87 -7.72 -7.97
CA GLY A 212 -1.17 -7.36 -9.34
C GLY A 212 -0.76 -8.42 -10.34
N ASP A 213 -0.90 -8.08 -11.61
CA ASP A 213 -0.43 -8.94 -12.69
C ASP A 213 1.10 -9.00 -12.71
N TYR A 214 1.67 -9.86 -13.56
CA TYR A 214 3.12 -10.02 -13.63
C TYR A 214 3.70 -10.37 -12.26
N GLY A 215 2.97 -11.14 -11.47
CA GLY A 215 3.48 -11.64 -10.20
C GLY A 215 3.72 -10.56 -9.16
N ARG A 216 2.98 -9.47 -9.23
CA ARG A 216 3.19 -8.36 -8.31
C ARG A 216 2.66 -8.66 -6.92
N ALA A 217 3.51 -8.47 -5.92
CA ALA A 217 3.11 -8.58 -4.52
C ALA A 217 3.89 -7.55 -3.71
N ASN A 218 3.14 -6.68 -3.04
CA ASN A 218 3.71 -5.62 -2.19
C ASN A 218 3.12 -5.67 -0.79
N ASP A 219 3.83 -5.04 0.15
CA ASP A 219 3.28 -4.77 1.46
C ASP A 219 4.01 -3.56 2.02
N ILE A 220 3.27 -2.62 2.56
CA ILE A 220 3.86 -1.46 3.25
C ILE A 220 3.33 -1.47 4.67
N ALA A 221 4.22 -1.26 5.62
CA ALA A 221 3.85 -1.41 7.03
C ALA A 221 4.52 -0.41 7.92
N VAL A 222 3.90 -0.17 9.07
CA VAL A 222 4.62 0.38 10.20
C VAL A 222 4.60 -0.70 11.27
N VAL A 223 5.77 -0.93 11.85
CA VAL A 223 5.90 -1.93 12.90
C VAL A 223 6.39 -1.26 14.17
N TRP A 224 5.97 -1.79 15.32
CA TRP A 224 6.49 -1.30 16.61
C TRP A 224 7.12 -2.46 17.36
N SER A 225 8.32 -2.22 17.89
CA SER A 225 8.97 -3.23 18.71
C SER A 225 8.20 -3.45 20.00
N PRO A 226 8.55 -4.49 20.77
CA PRO A 226 7.85 -4.76 22.03
C PRO A 226 7.99 -3.60 23.03
N THR A 227 8.95 -2.72 22.82
CA THR A 227 9.12 -1.55 23.69
C THR A 227 8.68 -0.25 23.02
N GLY A 228 7.98 -0.34 21.89
CA GLY A 228 7.36 0.84 21.29
C GLY A 228 8.23 1.65 20.35
N VAL A 229 9.29 1.05 19.82
CA VAL A 229 10.12 1.77 18.85
C VAL A 229 9.61 1.45 17.45
N PRO A 230 9.22 2.48 16.67
CA PRO A 230 8.62 2.19 15.37
C PRO A 230 9.60 2.19 14.22
N TYR A 231 9.28 1.38 13.21
CA TYR A 231 10.03 1.34 11.94
C TYR A 231 9.03 1.26 10.82
N VAL A 232 9.38 1.83 9.66
CA VAL A 232 8.54 1.73 8.48
C VAL A 232 9.19 0.72 7.54
N VAL A 233 8.39 -0.19 6.98
CA VAL A 233 8.93 -1.26 6.14
C VAL A 233 8.13 -1.31 4.85
N ALA A 234 8.82 -1.11 3.73
CA ALA A 234 8.20 -1.22 2.40
C ALA A 234 8.88 -2.36 1.66
N VAL A 235 8.08 -3.32 1.21
N VAL A 235 8.09 -3.35 1.25
CA VAL A 235 8.60 -4.43 0.42
CA VAL A 235 8.59 -4.44 0.41
C VAL A 235 7.74 -4.55 -0.84
C VAL A 235 7.73 -4.57 -0.84
N MET A 236 8.38 -4.61 -2.00
CA MET A 236 7.67 -4.64 -3.28
C MET A 236 8.30 -5.71 -4.14
N SER A 237 7.51 -6.34 -5.00
CA SER A 237 8.06 -7.40 -5.83
C SER A 237 7.27 -7.59 -7.11
N ASP A 238 7.94 -8.09 -8.14
CA ASP A 238 7.27 -8.57 -9.33
C ASP A 238 8.06 -9.70 -9.95
N ARG A 239 7.44 -10.35 -10.93
CA ARG A 239 8.00 -11.56 -11.53
C ARG A 239 7.77 -11.50 -13.05
N ALA A 240 8.41 -10.52 -13.70
CA ALA A 240 8.25 -10.32 -15.13
C ALA A 240 8.56 -11.56 -15.95
N GLY A 241 9.49 -12.38 -15.45
CA GLY A 241 9.89 -13.62 -16.12
C GLY A 241 8.78 -14.63 -16.33
N GLY A 242 7.70 -14.50 -15.56
CA GLY A 242 6.56 -15.39 -15.68
C GLY A 242 5.43 -14.83 -16.53
N GLY A 243 5.62 -13.63 -17.07
CA GLY A 243 4.62 -12.97 -17.89
C GLY A 243 3.41 -12.49 -17.10
N TYR A 244 2.38 -12.10 -17.83
CA TYR A 244 1.19 -11.46 -17.24
C TYR A 244 0.53 -12.28 -16.15
N ASP A 245 0.44 -13.58 -16.36
CA ASP A 245 -0.24 -14.47 -15.43
C ASP A 245 0.65 -15.02 -14.31
N ALA A 246 1.88 -14.51 -14.15
CA ALA A 246 2.73 -14.99 -13.06
C ALA A 246 2.03 -14.77 -11.73
N GLU A 247 2.06 -15.78 -10.86
CA GLU A 247 1.43 -15.65 -9.56
C GLU A 247 2.25 -14.78 -8.63
N PRO A 248 1.57 -13.96 -7.84
CA PRO A 248 2.26 -13.25 -6.75
C PRO A 248 2.78 -14.28 -5.75
N ARG A 249 3.94 -14.00 -5.15
CA ARG A 249 4.53 -14.91 -4.14
C ARG A 249 4.64 -14.21 -2.80
N GLU A 250 3.63 -14.40 -1.96
CA GLU A 250 3.63 -13.78 -0.64
C GLU A 250 4.84 -14.19 0.17
N ALA A 251 5.29 -15.43 -0.01
CA ALA A 251 6.40 -15.96 0.77
C ALA A 251 7.69 -15.18 0.53
N LEU A 252 7.86 -14.60 -0.66
CA LEU A 252 9.01 -13.76 -0.91
C LEU A 252 9.02 -12.58 0.06
N LEU A 253 7.84 -11.98 0.24
CA LEU A 253 7.72 -10.85 1.16
C LEU A 253 7.91 -11.29 2.61
N ALA A 254 7.36 -12.43 2.98
CA ALA A 254 7.53 -12.95 4.34
C ALA A 254 9.00 -13.20 4.64
N GLU A 255 9.73 -13.81 3.70
CA GLU A 255 11.14 -14.08 3.88
C GLU A 255 11.94 -12.78 3.93
N ALA A 256 11.65 -11.83 3.03
CA ALA A 256 12.33 -10.54 3.04
C ALA A 256 12.12 -9.85 4.40
N ALA A 257 10.88 -9.89 4.89
CA ALA A 257 10.56 -9.26 6.17
C ALA A 257 11.27 -9.95 7.33
N THR A 258 11.41 -11.28 7.27
CA THR A 258 12.13 -12.03 8.29
C THR A 258 13.58 -11.55 8.37
N CYS A 259 14.19 -11.30 7.21
CA CYS A 259 15.55 -10.80 7.16
C CYS A 259 15.66 -9.40 7.76
N VAL A 260 14.70 -8.53 7.41
CA VAL A 260 14.63 -7.20 8.00
C VAL A 260 14.48 -7.26 9.52
N ALA A 261 13.56 -8.11 9.99
CA ALA A 261 13.29 -8.26 11.42
C ALA A 261 14.52 -8.73 12.18
N GLY A 262 15.33 -9.58 11.56
CA GLY A 262 16.59 -10.06 12.17
C GLY A 262 17.55 -8.92 12.44
N VAL A 263 17.59 -7.95 11.54
CA VAL A 263 18.43 -6.76 11.66
C VAL A 263 17.91 -5.80 12.74
N LEU A 264 16.60 -5.61 12.78
CA LEU A 264 15.97 -4.64 13.69
C LEU A 264 15.77 -5.17 15.11
N ALA A 265 15.80 -6.48 15.28
CA ALA A 265 15.67 -7.08 16.62
C ALA A 265 16.97 -7.00 17.42
P PO4 B . -6.48 -8.52 -13.66
O1 PO4 B . -5.73 -9.75 -14.16
O2 PO4 B . -5.63 -7.29 -13.96
O3 PO4 B . -7.76 -8.47 -14.44
O4 PO4 B . -6.71 -8.61 -12.18
C SMX C . -4.85 -5.59 -4.81
C SMX C . -4.88 -5.57 -4.78
N SMX C . -5.45 -6.22 -7.12
N SMX C . -5.47 -6.20 -7.10
O SMX C . -3.85 -4.98 -4.77
O SMX C . -3.88 -4.96 -4.74
CA SMX C . -5.96 -5.66 -5.85
CA SMX C . -5.98 -5.65 -5.84
CB SMX C . -6.51 -6.72 -4.95
CB SMX C . -6.51 -6.71 -4.93
NBD SMX C . -5.32 -6.52 -4.07
NBD SMX C . -5.33 -6.52 -4.05
NBE SMX C . -6.32 -12.12 -0.42
NBE SMX C . -6.61 -12.69 -0.02
NAN SMX C . -6.44 -13.90 -1.25
NAN SMX C . -6.06 -13.60 -1.77
NAO SMX C . -5.79 -13.29 -2.04
NAO SMX C . -5.97 -12.43 -1.98
NAP SMX C . -6.78 -13.22 -0.29
NAP SMX C . -6.49 -13.75 -0.62
CAA SMX C . -6.53 -11.12 0.56
CAA SMX C . -7.07 -12.30 1.41
OAB SMX C . -4.19 -5.81 -1.48
OAB SMX C . -4.19 -5.83 -1.49
OAC SMX C . -7.43 -6.21 -8.13
OAC SMX C . -7.45 -6.19 -8.12
OAE SMX C . -2.68 -7.67 -2.00
OAE SMX C . -2.65 -7.68 -1.99
OAF SMX C . -6.33 -6.58 -10.56
OAF SMX C . -6.36 -6.56 -10.54
CAG SMX C . -4.24 -10.97 -9.41
CAG SMX C . -4.26 -10.96 -9.39
CAH SMX C . -3.80 -10.11 -10.36
CAH SMX C . -3.81 -10.10 -10.35
CAI SMX C . -5.14 -10.56 -8.48
CAI SMX C . -5.16 -10.55 -8.47
CAJ SMX C . -4.27 -8.83 -10.36
CAJ SMX C . -4.29 -8.81 -10.35
CAK SMX C . -5.64 -9.27 -8.51
CAK SMX C . -5.65 -9.25 -8.50
CAL SMX C . -5.27 -9.26 -1.58
CAL SMX C . -5.07 -9.38 -1.65
CAM SMX C . -6.81 -9.00 -3.63
CAM SMX C . -6.77 -9.06 -3.64
SAR SMX C . -4.78 -10.78 -2.25
SAR SMX C . -6.27 -10.10 -0.51
SAS SMX C . -6.64 -8.45 -5.39
SAS SMX C . -6.66 -8.43 -5.37
CAT SMX C . -3.90 -6.93 -2.14
CAT SMX C . -3.89 -6.95 -2.15
CAU SMX C . -6.27 -6.42 -8.16
CAU SMX C . -6.28 -6.40 -8.15
CAV SMX C . -5.67 -8.45 -2.76
CAV SMX C . -5.63 -8.50 -2.77
CAX SMX C . -5.00 -7.36 -3.04
CAX SMX C . -5.00 -7.37 -3.03
CAY SMX C . -5.19 -8.41 -9.43
CAY SMX C . -5.21 -8.39 -9.41
CAZ SMX C . -5.72 -12.11 -1.56
CAZ SMX C . -6.29 -11.80 -0.88
CBA SMX C . -5.80 -7.09 -9.39
CBA SMX C . -5.82 -7.07 -9.37
C SMX D . -8.28 -15.76 -7.14
N SMX D . -10.28 -14.63 -5.95
O SMX D . -8.34 -16.92 -7.32
CA SMX D . -9.32 -14.66 -6.98
CB SMX D . -8.03 -13.88 -6.68
NBD SMX D . -7.20 -15.07 -6.95
NBE SMX D . -2.11 -14.59 -2.37
NAN SMX D . -2.53 -12.60 -2.21
NAO SMX D . -2.99 -12.90 -3.31
NAP SMX D . -1.99 -13.57 -1.71
CAA SMX D . -1.68 -15.93 -2.02
OAB SMX D . -6.02 -17.05 -7.85
OAC SMX D . -11.07 -12.87 -6.89
OAE SMX D . -4.14 -16.96 -7.16
OAF SMX D . -12.50 -14.74 -4.45
CAG SMX D . -10.63 -12.04 -1.16
CAH SMX D . -10.19 -11.45 -2.34
CAI SMX D . -11.52 -13.13 -1.23
CAJ SMX D . -10.67 -11.96 -3.56
CAK SMX D . -11.99 -13.60 -2.46
CAL SMX D . -3.69 -14.07 -6.00
CAM SMX D . -5.91 -12.77 -5.66
SAR SMX D . -3.26 -15.28 -4.63
SAS SMX D . -7.64 -13.15 -5.14
CAT SMX D . -5.20 -16.43 -7.32
CAU SMX D . -11.06 -13.62 -5.94
CAV SMX D . -5.18 -14.02 -6.20
CAX SMX D . -5.81 -15.11 -6.80
CAY SMX D . -11.52 -13.04 -3.63
CAZ SMX D . -2.75 -14.19 -3.42
CBA SMX D . -12.04 -13.56 -4.92
C SMX E . 4.35 6.24 18.37
N SMX E . 2.84 8.00 17.54
O SMX E . 5.17 5.86 17.52
CA SMX E . 3.67 7.58 18.65
CB SMX E . 2.89 6.75 19.68
NBD SMX E . 3.74 5.58 19.36
NBE SMX E . -0.30 2.30 18.41
NAN SMX E . -1.78 1.30 19.34
NAO SMX E . -0.77 0.97 19.98
NAP SMX E . -1.51 2.07 18.41
CAA SMX E . 0.43 3.19 17.47
OAB SMX E . 6.15 4.45 20.27
OAC SMX E . 2.21 6.05 16.53
OAE SMX E . 4.47 2.51 21.29
OAF SMX E . 2.09 8.94 14.85
CAG SMX E . -2.86 8.10 15.94
CAH SMX E . -2.19 7.23 15.07
CAI SMX E . -2.15 8.97 16.76
CAJ SMX E . -0.79 7.23 14.98
CAK SMX E . -0.76 8.98 16.69
CAL SMX E . 2.11 2.72 21.33
CAM SMX E . 1.29 5.15 21.00
SAR SMX E . 1.94 1.57 19.87
SAS SMX E . 1.13 6.34 19.62
CAT SMX E . 4.87 3.76 20.64
CAU SMX E . 2.21 7.28 16.66
CAV SMX E . 2.40 4.11 20.76
CAX SMX E . 3.67 4.46 20.17
CAY SMX E . -0.10 8.13 15.81
CAZ SMX E . 0.24 1.63 19.42
CBA SMX E . 1.40 8.33 15.91
C SMX F . -8.54 -19.68 -5.59
N SMX F . -6.34 -19.82 -6.68
O SMX F . -9.45 -19.89 -6.33
CA SMX F . -7.12 -20.17 -5.48
CB SMX F . -7.07 -19.13 -4.33
NBD SMX F . -8.45 -18.77 -4.66
NBE SMX F . -10.94 -17.96 -0.55
NAN SMX F . -9.89 -19.66 -0.68
NAO SMX F . -9.03 -18.79 -0.70
NAP SMX F . -11.01 -19.16 -0.56
CAA SMX F . -12.02 -17.05 -0.41
OAB SMX F . -11.26 -18.65 -4.12
OAC SMX F . -4.80 -21.40 -6.28
OAE SMX F . -11.17 -16.51 -4.44
OAF SMX F . -4.55 -19.21 -9.03
CAG SMX F . -3.77 -23.51 -10.66
CAH SMX F . -2.72 -22.81 -10.11
CAI SMX F . -5.09 -23.14 -10.42
CAJ SMX F . -2.98 -21.72 -9.34
CAK SMX F . -5.36 -22.04 -9.64
CAL SMX F . -9.20 -15.73 -2.50
CAM SMX F . -6.99 -16.98 -2.94
SAR SMX F . -9.02 -16.18 -0.67
SAS SMX F . -6.06 -17.66 -4.39
CAT SMX F . -10.60 -17.59 -4.25
CAU SMX F . -5.27 -20.51 -7.01
CAV SMX F . -8.49 -16.79 -3.29
CAX SMX F . -9.13 -17.71 -4.12
CAY SMX F . -4.29 -21.33 -9.11
CAZ SMX F . -9.70 -17.68 -0.63
CBA SMX F . -4.51 -20.12 -8.24
C SMX G . 1.80 -19.46 -11.12
N SMX G . 0.07 -20.18 -12.77
O SMX G . 2.08 -18.27 -11.13
CA SMX G . 0.53 -20.26 -11.38
CB SMX G . 1.39 -21.44 -10.96
NBD SMX G . 2.53 -20.51 -10.71
NBE SMX G . 7.69 -24.12 -12.84
NAN SMX G . 6.92 -25.89 -12.25
NAO SMX G . 6.51 -25.09 -11.40
NAP SMX G . 7.63 -25.32 -13.09
CAA SMX G . 8.45 -23.08 -13.61
OAB SMX G . 4.45 -19.32 -8.86
OAC SMX G . -2.03 -19.79 -12.02
OAE SMX G . 6.00 -20.07 -9.85
OAF SMX G . -0.74 -19.35 -15.31
CAG SMX G . -3.42 -23.50 -15.93
CAH SMX G . -2.39 -22.85 -16.62
CAI SMX G . -3.91 -22.95 -14.73
CAJ SMX G . -1.87 -21.66 -16.12
CAK SMX G . -3.39 -21.76 -14.23
CAL SMX G . 5.43 -22.87 -9.74
CAM SMX G . 2.98 -23.32 -10.56
SAR SMX G . 6.75 -22.40 -10.93
SAS SMX G . 2.04 -22.71 -12.05
CAT SMX G . 4.86 -20.03 -9.60
CAU SMX G . -1.24 -19.93 -12.96
CAV SMX G . 4.08 -22.30 -10.17
CAX SMX G . 3.81 -20.93 -10.32
CAY SMX G . -2.35 -21.11 -14.93
CAZ SMX G . 6.99 -23.92 -11.75
CBA SMX G . -1.76 -19.80 -14.41
#